data_7E5P
#
_entry.id   7E5P
#
_entity_poly.entity_id   1
_entity_poly.type   'polydeoxyribonucleotide'
_entity_poly.pdbx_seq_one_letter_code
;(DG)(DG)(DG)(DT)(DG)(DG)(DG)(DT)(DT)(DG)(DG)(DG)(DA)(DG)(DG)(DG)
;
_entity_poly.pdbx_strand_id   A
#
loop_
_chem_comp.id
_chem_comp.type
_chem_comp.name
_chem_comp.formula
DA DNA linking 2'-DEOXYADENOSINE-5'-MONOPHOSPHATE 'C10 H14 N5 O6 P'
DG DNA linking 2'-DEOXYGUANOSINE-5'-MONOPHOSPHATE 'C10 H14 N5 O7 P'
DT DNA linking THYMIDINE-5'-MONOPHOSPHATE 'C10 H15 N2 O8 P'
#